data_2Q7U
#
_entry.id   2Q7U
#
_cell.length_a   44.500
_cell.length_b   86.310
_cell.length_c   127.910
_cell.angle_alpha   90.00
_cell.angle_beta   90.00
_cell.angle_gamma   90.00
#
_symmetry.space_group_name_H-M   'P 21 21 21'
#
loop_
_entity.id
_entity.type
_entity.pdbx_description
1 polymer 'Protein traI'
2 non-polymer 'MAGNESIUM ION'
3 non-polymer 'IMIDO DIPHOSPHATE'
4 non-polymer "THYMIDINE-5'-PHOSPHATE"
5 water water
#
_entity_poly.entity_id   1
_entity_poly.type   'polypeptide(L)'
_entity_poly.pdbx_seq_one_letter_code
;MMSIAQVRSAGSAGNFYTDKDNYYVLGSMGERWAGRGAEQLGLQGSVDKDVFTRLLEGRLPDGADLSRMQDGSNRHRPGY
DLTFSAPKSVSMMAMLGGDKRLIDAHNQAVDFAVRQVEALASTRVMTDGQSETVLTGNLVMALFNHDTSRDQEPQLHTHA
VVANVTQHNGEWKTLSSDKVGKTGFIENVYANQIAFGRLYREKLKEQVEALGYETEVVGKHGMWEMPGVPVEAFSGRSQT
IREAVGEDASLKSRDVAALDTRKSKQHVDPEIKMAEWMQTLKETGFDIRAYRDAADQRADS
;
_entity_poly.pdbx_strand_id   A,B
#
# COMPACT_ATOMS: atom_id res chain seq x y z
N MET A 1 -5.25 -13.12 -17.13
CA MET A 1 -6.07 -12.76 -18.33
C MET A 1 -6.65 -11.35 -18.21
N MET A 2 -7.27 -10.88 -19.29
CA MET A 2 -7.86 -9.55 -19.34
C MET A 2 -9.32 -9.55 -19.78
N SER A 3 -10.25 -9.53 -18.81
CA SER A 3 -11.68 -9.53 -19.11
C SER A 3 -12.10 -8.20 -19.68
N ILE A 4 -13.08 -8.23 -20.59
CA ILE A 4 -13.57 -7.00 -21.20
C ILE A 4 -15.08 -6.81 -21.02
N ALA A 5 -15.46 -5.71 -20.37
CA ALA A 5 -16.86 -5.42 -20.12
C ALA A 5 -17.12 -3.92 -20.19
N GLN A 6 -18.38 -3.55 -20.42
CA GLN A 6 -18.76 -2.16 -20.51
C GLN A 6 -19.24 -1.65 -19.16
N VAL A 7 -18.74 -0.49 -18.75
CA VAL A 7 -19.14 0.09 -17.47
C VAL A 7 -20.64 0.39 -17.42
N ARG A 8 -21.26 0.03 -16.28
CA ARG A 8 -22.68 0.24 -16.09
C ARG A 8 -23.14 1.68 -16.24
N SER A 9 -22.64 2.58 -15.41
CA SER A 9 -23.06 3.97 -15.51
C SER A 9 -22.48 4.84 -14.42
N ALA A 10 -21.99 6.02 -14.80
CA ALA A 10 -21.38 6.98 -13.87
C ALA A 10 -21.57 6.61 -12.40
N GLY A 11 -22.72 6.99 -11.84
CA GLY A 11 -23.00 6.68 -10.46
C GLY A 11 -22.63 5.24 -10.19
N SER A 12 -23.33 4.33 -10.87
CA SER A 12 -23.12 2.90 -10.76
C SER A 12 -21.63 2.54 -10.64
N ALA A 13 -20.84 2.96 -11.61
CA ALA A 13 -19.40 2.68 -11.61
C ALA A 13 -18.70 3.37 -10.47
N GLY A 14 -18.92 4.68 -10.35
CA GLY A 14 -18.30 5.45 -9.30
C GLY A 14 -18.16 4.67 -8.01
N ASN A 15 -19.24 4.58 -7.23
CA ASN A 15 -19.17 3.86 -5.96
C ASN A 15 -18.60 2.46 -6.07
N PHE A 16 -18.95 1.72 -7.13
CA PHE A 16 -18.42 0.38 -7.25
C PHE A 16 -16.89 0.35 -7.30
N TYR A 17 -16.30 0.93 -8.34
CA TYR A 17 -14.86 0.94 -8.49
C TYR A 17 -14.08 1.41 -7.28
N THR A 18 -14.77 1.96 -6.27
CA THR A 18 -14.07 2.45 -5.09
C THR A 18 -14.61 1.91 -3.77
N ASP A 19 -15.61 1.06 -3.86
CA ASP A 19 -16.18 0.48 -2.66
C ASP A 19 -15.08 -0.26 -1.88
N LYS A 20 -14.59 0.40 -0.83
CA LYS A 20 -13.52 -0.15 0.01
C LYS A 20 -13.61 -1.66 0.26
N ASP A 21 -14.79 -2.24 0.10
CA ASP A 21 -14.97 -3.66 0.33
C ASP A 21 -14.23 -4.51 -0.72
N ASN A 22 -14.31 -4.05 -1.96
CA ASN A 22 -13.66 -4.75 -3.06
C ASN A 22 -12.16 -4.77 -2.86
N TYR A 23 -11.68 -4.07 -1.83
CA TYR A 23 -10.24 -4.01 -1.56
C TYR A 23 -9.90 -3.91 -0.08
N TYR A 24 -10.61 -4.68 0.74
CA TYR A 24 -10.37 -4.66 2.17
C TYR A 24 -9.09 -5.43 2.54
N VAL A 25 -8.81 -6.51 1.79
CA VAL A 25 -7.62 -7.32 2.03
C VAL A 25 -6.37 -6.48 1.79
N LEU A 26 -6.37 -5.79 0.66
CA LEU A 26 -5.27 -4.93 0.27
C LEU A 26 -5.14 -3.75 1.21
N GLY A 27 -6.30 -3.18 1.57
CA GLY A 27 -6.32 -2.03 2.45
C GLY A 27 -6.26 -0.72 1.67
N SER A 28 -5.93 -0.79 0.39
CA SER A 28 -5.83 0.42 -0.40
C SER A 28 -6.29 0.16 -1.82
N MET A 29 -6.67 1.23 -2.51
CA MET A 29 -7.15 1.14 -3.88
C MET A 29 -6.01 1.09 -4.89
N GLY A 30 -5.03 1.98 -4.71
CA GLY A 30 -3.88 2.04 -5.60
C GLY A 30 -4.21 2.83 -6.83
N GLU A 31 -5.43 3.34 -6.89
CA GLU A 31 -5.92 4.10 -8.03
C GLU A 31 -5.11 5.29 -8.54
N ARG A 32 -4.71 5.21 -9.81
CA ARG A 32 -3.95 6.27 -10.45
C ARG A 32 -4.44 6.40 -11.88
N TRP A 33 -4.36 7.59 -12.46
CA TRP A 33 -4.81 7.75 -13.83
C TRP A 33 -3.77 7.15 -14.77
N ALA A 34 -4.11 7.09 -16.05
CA ALA A 34 -3.23 6.53 -17.06
C ALA A 34 -3.63 7.05 -18.41
N GLY A 35 -2.73 6.97 -19.38
CA GLY A 35 -3.05 7.42 -20.72
C GLY A 35 -2.57 8.80 -21.09
N ARG A 36 -2.17 8.95 -22.35
CA ARG A 36 -1.68 10.20 -22.86
C ARG A 36 -2.79 11.21 -22.71
N GLY A 37 -4.03 10.72 -22.81
CA GLY A 37 -5.19 11.58 -22.73
C GLY A 37 -5.45 12.14 -21.37
N ALA A 38 -4.97 11.42 -20.35
CA ALA A 38 -5.15 11.82 -18.95
C ALA A 38 -4.10 12.83 -18.51
N GLU A 39 -2.90 12.70 -19.06
CA GLU A 39 -1.79 13.58 -18.71
C GLU A 39 -1.94 14.87 -19.49
N GLN A 40 -2.69 14.74 -20.58
CA GLN A 40 -2.97 15.85 -21.47
C GLN A 40 -4.13 16.67 -20.88
N LEU A 41 -4.68 16.17 -19.78
CA LEU A 41 -5.79 16.82 -19.09
C LEU A 41 -5.34 17.24 -17.70
N GLY A 42 -4.06 17.05 -17.40
CA GLY A 42 -3.55 17.39 -16.10
C GLY A 42 -4.01 16.39 -15.03
N LEU A 43 -4.58 15.26 -15.46
CA LEU A 43 -5.04 14.25 -14.51
C LEU A 43 -3.88 13.34 -14.10
N GLN A 44 -3.37 13.55 -12.89
CA GLN A 44 -2.23 12.76 -12.42
C GLN A 44 -2.22 12.36 -10.95
N GLY A 45 -2.09 11.06 -10.73
CA GLY A 45 -2.04 10.56 -9.38
C GLY A 45 -3.30 9.86 -8.96
N SER A 46 -3.71 10.12 -7.73
CA SER A 46 -4.90 9.50 -7.19
C SER A 46 -6.08 9.92 -8.03
N VAL A 47 -7.21 9.24 -7.87
CA VAL A 47 -8.41 9.54 -8.64
C VAL A 47 -9.50 10.19 -7.79
N ASP A 48 -10.05 11.30 -8.28
CA ASP A 48 -11.12 12.01 -7.60
C ASP A 48 -12.44 11.41 -8.06
N LYS A 49 -13.10 10.66 -7.17
CA LYS A 49 -14.39 10.02 -7.48
C LYS A 49 -15.23 10.88 -8.40
N ASP A 50 -15.42 12.14 -8.02
CA ASP A 50 -16.22 13.07 -8.79
C ASP A 50 -15.68 13.32 -10.18
N VAL A 51 -14.38 13.56 -10.28
CA VAL A 51 -13.81 13.78 -11.58
C VAL A 51 -14.10 12.55 -12.43
N PHE A 52 -13.82 11.38 -11.84
CA PHE A 52 -14.04 10.10 -12.50
C PHE A 52 -15.47 9.98 -13.05
N THR A 53 -16.47 10.19 -12.18
CA THR A 53 -17.86 10.09 -12.58
C THR A 53 -18.21 11.06 -13.70
N ARG A 54 -17.87 12.33 -13.51
CA ARG A 54 -18.14 13.31 -14.54
C ARG A 54 -17.53 12.73 -15.82
N LEU A 55 -16.28 12.30 -15.72
CA LEU A 55 -15.58 11.73 -16.87
C LEU A 55 -16.42 10.62 -17.50
N LEU A 56 -17.05 9.79 -16.68
CA LEU A 56 -17.89 8.70 -17.18
C LEU A 56 -19.13 9.28 -17.82
N GLU A 57 -19.63 10.37 -17.24
CA GLU A 57 -20.82 11.04 -17.76
C GLU A 57 -20.51 11.67 -19.12
N GLY A 58 -19.24 11.92 -19.39
CA GLY A 58 -18.86 12.50 -20.66
C GLY A 58 -18.45 13.97 -20.53
N ARG A 59 -18.30 14.43 -19.30
CA ARG A 59 -17.89 15.79 -19.01
C ARG A 59 -16.43 15.78 -18.59
N LEU A 60 -15.59 16.40 -19.39
CA LEU A 60 -14.18 16.45 -19.07
C LEU A 60 -13.87 17.70 -18.23
N PRO A 61 -12.72 17.69 -17.53
CA PRO A 61 -12.35 18.84 -16.71
C PRO A 61 -11.90 19.94 -17.65
N ASP A 62 -11.40 19.50 -18.81
CA ASP A 62 -10.94 20.37 -19.87
C ASP A 62 -12.05 21.36 -20.16
N GLY A 63 -13.29 20.93 -19.93
CA GLY A 63 -14.44 21.77 -20.15
C GLY A 63 -15.36 21.20 -21.21
N ALA A 64 -14.82 20.32 -22.05
CA ALA A 64 -15.57 19.67 -23.13
C ALA A 64 -16.68 18.83 -22.52
N ASP A 65 -17.76 18.63 -23.27
CA ASP A 65 -18.87 17.83 -22.73
C ASP A 65 -19.55 16.99 -23.80
N LEU A 66 -19.42 15.67 -23.70
CA LEU A 66 -20.00 14.74 -24.68
C LEU A 66 -21.27 14.05 -24.20
N SER A 67 -21.77 14.48 -23.05
CA SER A 67 -23.00 13.92 -22.50
C SER A 67 -24.19 14.32 -23.38
N ARG A 68 -25.12 13.38 -23.54
CA ARG A 68 -26.33 13.57 -24.34
C ARG A 68 -27.56 13.23 -23.51
N MET A 69 -27.95 14.16 -22.65
CA MET A 69 -29.11 13.94 -21.81
C MET A 69 -30.34 13.87 -22.67
N GLN A 70 -31.13 12.82 -22.44
CA GLN A 70 -32.37 12.58 -23.15
C GLN A 70 -33.38 12.07 -22.10
N ASP A 71 -34.29 12.96 -21.71
CA ASP A 71 -35.32 12.67 -20.71
C ASP A 71 -34.86 11.92 -19.45
N GLY A 72 -33.84 12.45 -18.78
CA GLY A 72 -33.34 11.85 -17.56
C GLY A 72 -32.08 11.01 -17.66
N SER A 73 -32.01 10.19 -18.70
CA SER A 73 -30.85 9.32 -18.91
C SER A 73 -29.78 10.05 -19.70
N ASN A 74 -28.65 9.36 -19.89
CA ASN A 74 -27.53 9.90 -20.65
C ASN A 74 -27.19 8.86 -21.72
N ARG A 75 -27.22 9.25 -22.98
CA ARG A 75 -26.94 8.32 -24.08
C ARG A 75 -25.45 8.22 -24.39
N HIS A 76 -24.61 8.64 -23.47
CA HIS A 76 -23.18 8.56 -23.69
C HIS A 76 -22.56 7.40 -22.94
N ARG A 77 -22.02 6.44 -23.69
CA ARG A 77 -21.43 5.26 -23.05
C ARG A 77 -20.24 5.70 -22.19
N PRO A 78 -20.22 5.28 -20.92
CA PRO A 78 -19.17 5.60 -19.96
C PRO A 78 -17.78 5.21 -20.42
N GLY A 79 -17.61 3.93 -20.72
CA GLY A 79 -16.32 3.44 -21.15
C GLY A 79 -16.23 1.92 -21.14
N TYR A 80 -15.01 1.40 -21.04
CA TYR A 80 -14.81 -0.03 -21.04
C TYR A 80 -13.92 -0.40 -19.89
N ASP A 81 -14.26 -1.50 -19.24
CA ASP A 81 -13.49 -2.00 -18.10
C ASP A 81 -12.61 -3.16 -18.50
N LEU A 82 -11.31 -2.94 -18.41
CA LEU A 82 -10.31 -3.96 -18.73
C LEU A 82 -9.80 -4.44 -17.38
N THR A 83 -10.10 -5.68 -17.04
CA THR A 83 -9.67 -6.22 -15.76
C THR A 83 -8.50 -7.18 -15.90
N PHE A 84 -7.33 -6.82 -15.39
CA PHE A 84 -6.19 -7.72 -15.49
C PHE A 84 -5.98 -8.51 -14.20
N SER A 85 -6.20 -9.82 -14.25
CA SER A 85 -6.05 -10.66 -13.08
C SER A 85 -4.73 -11.43 -12.92
N ALA A 86 -4.32 -11.53 -11.66
CA ALA A 86 -3.09 -12.21 -11.27
C ALA A 86 -3.34 -13.65 -10.87
N PRO A 87 -2.44 -14.55 -11.32
CA PRO A 87 -2.51 -15.98 -11.01
C PRO A 87 -2.71 -16.22 -9.52
N LYS A 88 -3.63 -17.13 -9.21
CA LYS A 88 -3.99 -17.50 -7.84
C LYS A 88 -2.79 -17.56 -6.90
N SER A 89 -1.69 -18.13 -7.38
CA SER A 89 -0.47 -18.25 -6.57
C SER A 89 0.01 -16.88 -6.12
N VAL A 90 0.08 -15.95 -7.07
CA VAL A 90 0.52 -14.60 -6.78
C VAL A 90 -0.45 -13.80 -5.94
N SER A 91 -1.71 -13.74 -6.37
CA SER A 91 -2.73 -13.00 -5.62
C SER A 91 -2.60 -13.39 -4.14
N MET A 92 -2.47 -14.69 -3.92
CA MET A 92 -2.31 -15.26 -2.60
C MET A 92 -1.07 -14.72 -1.90
N MET A 93 0.08 -14.92 -2.55
CA MET A 93 1.38 -14.51 -2.04
C MET A 93 1.46 -13.00 -1.78
N ALA A 94 0.79 -12.24 -2.64
CA ALA A 94 0.74 -10.78 -2.55
C ALA A 94 -0.04 -10.30 -1.32
N MET A 95 -1.25 -10.84 -1.12
CA MET A 95 -2.14 -10.46 -0.02
C MET A 95 -2.09 -11.32 1.23
N LEU A 96 -1.80 -12.61 1.10
CA LEU A 96 -1.74 -13.46 2.28
C LEU A 96 -0.32 -13.82 2.68
N GLY A 97 0.63 -13.61 1.77
CA GLY A 97 2.03 -13.92 2.06
C GLY A 97 2.81 -12.71 2.58
N GLY A 98 2.17 -11.55 2.63
CA GLY A 98 2.84 -10.37 3.10
C GLY A 98 3.97 -9.87 2.22
N ASP A 99 3.91 -10.15 0.91
CA ASP A 99 4.98 -9.67 0.01
C ASP A 99 4.49 -8.58 -0.94
N LYS A 100 4.30 -7.38 -0.42
CA LYS A 100 3.82 -6.25 -1.19
C LYS A 100 4.50 -6.08 -2.53
N ARG A 101 5.77 -6.48 -2.63
CA ARG A 101 6.50 -6.35 -3.90
C ARG A 101 5.70 -6.95 -5.07
N LEU A 102 5.11 -8.12 -4.84
CA LEU A 102 4.32 -8.78 -5.86
C LEU A 102 3.15 -7.90 -6.33
N ILE A 103 2.59 -7.08 -5.43
CA ILE A 103 1.49 -6.20 -5.82
C ILE A 103 2.02 -5.12 -6.76
N ASP A 104 3.15 -4.53 -6.38
CA ASP A 104 3.75 -3.52 -7.22
C ASP A 104 3.97 -4.17 -8.57
N ALA A 105 4.57 -5.35 -8.58
CA ALA A 105 4.82 -6.05 -9.84
C ALA A 105 3.56 -6.08 -10.67
N HIS A 106 2.48 -6.55 -10.06
CA HIS A 106 1.19 -6.63 -10.72
C HIS A 106 0.85 -5.32 -11.39
N ASN A 107 1.00 -4.22 -10.67
CA ASN A 107 0.71 -2.91 -11.25
C ASN A 107 1.57 -2.66 -12.46
N GLN A 108 2.87 -2.63 -12.24
CA GLN A 108 3.77 -2.40 -13.35
C GLN A 108 3.36 -3.16 -14.61
N ALA A 109 3.07 -4.45 -14.45
CA ALA A 109 2.68 -5.25 -15.60
C ALA A 109 1.49 -4.67 -16.33
N VAL A 110 0.46 -4.29 -15.57
CA VAL A 110 -0.76 -3.74 -16.17
C VAL A 110 -0.43 -2.53 -16.98
N ASP A 111 0.40 -1.67 -16.42
CA ASP A 111 0.79 -0.44 -17.08
C ASP A 111 1.43 -0.78 -18.41
N PHE A 112 2.37 -1.72 -18.39
CA PHE A 112 3.07 -2.13 -19.59
C PHE A 112 2.14 -2.62 -20.67
N ALA A 113 0.99 -3.16 -20.25
CA ALA A 113 -0.03 -3.66 -21.17
C ALA A 113 -0.93 -2.52 -21.63
N VAL A 114 -1.57 -1.86 -20.67
CA VAL A 114 -2.47 -0.75 -20.95
C VAL A 114 -1.98 0.18 -22.07
N ARG A 115 -0.68 0.37 -22.19
CA ARG A 115 -0.18 1.23 -23.24
C ARG A 115 -0.57 0.64 -24.58
N GLN A 116 -0.05 -0.56 -24.84
CA GLN A 116 -0.34 -1.24 -26.08
C GLN A 116 -1.82 -1.10 -26.33
N VAL A 117 -2.62 -1.23 -25.29
CA VAL A 117 -4.07 -1.09 -25.45
C VAL A 117 -4.40 0.32 -25.88
N GLU A 118 -3.71 1.30 -25.32
CA GLU A 118 -3.95 2.68 -25.68
C GLU A 118 -3.69 2.90 -27.17
N ALA A 119 -2.60 2.34 -27.70
CA ALA A 119 -2.23 2.50 -29.11
C ALA A 119 -3.39 2.29 -30.06
N LEU A 120 -4.25 1.33 -29.75
CA LEU A 120 -5.39 1.05 -30.61
C LEU A 120 -6.48 2.12 -30.55
N ALA A 121 -6.36 3.04 -29.61
CA ALA A 121 -7.36 4.10 -29.46
C ALA A 121 -7.68 4.80 -30.77
N SER A 122 -8.94 4.78 -31.16
CA SER A 122 -9.39 5.41 -32.40
C SER A 122 -10.69 6.22 -32.27
N THR A 123 -11.13 6.79 -33.38
CA THR A 123 -12.35 7.59 -33.41
C THR A 123 -12.93 7.53 -34.83
N ARG A 124 -14.17 7.97 -34.99
CA ARG A 124 -14.81 7.96 -36.30
C ARG A 124 -15.12 9.34 -36.87
N VAL A 125 -15.04 9.41 -38.20
CA VAL A 125 -15.32 10.64 -38.96
C VAL A 125 -15.60 10.24 -40.40
N MET A 126 -16.50 10.96 -41.07
CA MET A 126 -16.78 10.62 -42.46
C MET A 126 -16.13 11.60 -43.41
N THR A 127 -16.22 11.30 -44.70
CA THR A 127 -15.66 12.15 -45.75
C THR A 127 -16.39 11.91 -47.08
N GLN A 130 -17.84 9.02 -46.45
CA GLN A 130 -17.91 7.75 -45.75
C GLN A 130 -17.17 7.78 -44.41
N SER A 131 -17.71 7.08 -43.43
CA SER A 131 -17.12 7.00 -42.09
C SER A 131 -15.87 6.10 -42.09
N GLU A 132 -14.80 6.59 -41.48
CA GLU A 132 -13.55 5.84 -41.40
C GLU A 132 -12.92 5.95 -39.99
N THR A 133 -12.19 4.91 -39.58
CA THR A 133 -11.58 4.87 -38.25
C THR A 133 -10.11 5.23 -38.17
N VAL A 134 -9.86 6.46 -37.72
CA VAL A 134 -8.50 6.96 -37.57
C VAL A 134 -7.98 6.84 -36.14
N LEU A 135 -6.77 6.31 -36.03
CA LEU A 135 -6.10 6.11 -34.74
C LEU A 135 -5.88 7.43 -34.03
N THR A 136 -5.54 7.35 -32.74
CA THR A 136 -5.31 8.53 -31.94
C THR A 136 -4.10 8.31 -31.06
N GLY A 137 -4.09 7.18 -30.37
CA GLY A 137 -2.96 6.88 -29.52
C GLY A 137 -3.18 7.32 -28.09
N ASN A 138 -4.37 7.78 -27.76
CA ASN A 138 -4.61 8.19 -26.38
C ASN A 138 -5.97 7.81 -25.83
N LEU A 139 -5.98 7.55 -24.53
CA LEU A 139 -7.17 7.18 -23.82
C LEU A 139 -7.01 7.83 -22.48
N VAL A 140 -8.12 7.96 -21.74
CA VAL A 140 -8.03 8.51 -20.39
C VAL A 140 -8.42 7.28 -19.60
N MET A 141 -7.74 7.06 -18.48
CA MET A 141 -8.02 5.89 -17.69
C MET A 141 -7.89 6.07 -16.20
N ALA A 142 -8.54 5.15 -15.50
CA ALA A 142 -8.53 5.10 -14.06
C ALA A 142 -8.36 3.62 -13.79
N LEU A 143 -7.27 3.25 -13.11
CA LEU A 143 -7.00 1.86 -12.80
C LEU A 143 -7.17 1.61 -11.32
N PHE A 144 -8.09 0.73 -10.97
CA PHE A 144 -8.32 0.40 -9.58
C PHE A 144 -7.97 -1.04 -9.33
N ASN A 145 -7.56 -1.31 -8.09
CA ASN A 145 -7.17 -2.65 -7.69
C ASN A 145 -8.18 -3.21 -6.73
N HIS A 146 -8.58 -4.47 -6.96
CA HIS A 146 -9.52 -5.14 -6.07
C HIS A 146 -8.89 -6.47 -5.63
N ASP A 147 -9.29 -6.98 -4.48
CA ASP A 147 -8.70 -8.22 -3.99
C ASP A 147 -9.47 -9.51 -4.19
N THR A 148 -10.75 -9.53 -3.83
CA THR A 148 -11.55 -10.75 -3.97
C THR A 148 -12.09 -10.97 -5.38
N SER A 149 -12.83 -12.06 -5.57
CA SER A 149 -13.42 -12.40 -6.88
C SER A 149 -14.81 -12.98 -6.64
N ARG A 150 -15.58 -13.15 -7.71
CA ARG A 150 -16.92 -13.72 -7.59
C ARG A 150 -16.80 -15.09 -6.91
N ASP A 151 -15.60 -15.65 -7.00
CA ASP A 151 -15.30 -16.94 -6.42
C ASP A 151 -15.09 -16.79 -4.91
N GLN A 152 -15.01 -15.55 -4.44
CA GLN A 152 -14.76 -15.28 -3.02
C GLN A 152 -13.33 -15.68 -2.69
N GLU A 153 -12.47 -15.66 -3.70
CA GLU A 153 -11.07 -16.04 -3.52
C GLU A 153 -10.13 -14.87 -3.79
N PRO A 154 -8.95 -14.87 -3.16
CA PRO A 154 -8.01 -13.78 -3.40
C PRO A 154 -7.77 -13.65 -4.90
N GLN A 155 -7.96 -12.45 -5.42
CA GLN A 155 -7.73 -12.21 -6.82
C GLN A 155 -7.21 -10.82 -7.08
N LEU A 156 -5.91 -10.65 -6.89
CA LEU A 156 -5.27 -9.38 -7.13
C LEU A 156 -5.57 -9.04 -8.58
N HIS A 157 -6.49 -8.14 -8.81
CA HIS A 157 -6.84 -7.76 -10.17
C HIS A 157 -7.10 -6.26 -10.27
N THR A 158 -6.68 -5.67 -11.37
CA THR A 158 -6.88 -4.25 -11.57
C THR A 158 -7.98 -3.97 -12.59
N HIS A 159 -8.76 -2.94 -12.33
CA HIS A 159 -9.82 -2.56 -13.25
C HIS A 159 -9.40 -1.36 -14.10
N ALA A 160 -8.92 -1.63 -15.31
CA ALA A 160 -8.52 -0.54 -16.17
C ALA A 160 -9.75 0.07 -16.82
N VAL A 161 -10.27 1.14 -16.23
CA VAL A 161 -11.44 1.79 -16.79
C VAL A 161 -11.04 2.82 -17.82
N VAL A 162 -11.39 2.55 -19.07
CA VAL A 162 -11.07 3.43 -20.20
C VAL A 162 -12.21 4.38 -20.55
N ALA A 163 -12.10 5.63 -20.12
CA ALA A 163 -13.12 6.64 -20.40
C ALA A 163 -13.41 6.66 -21.90
N ASN A 164 -14.69 6.68 -22.24
CA ASN A 164 -15.15 6.68 -23.63
C ASN A 164 -14.94 8.02 -24.32
N VAL A 165 -13.69 8.47 -24.37
CA VAL A 165 -13.32 9.73 -25.01
C VAL A 165 -11.89 9.62 -25.53
N THR A 166 -11.59 10.37 -26.58
CA THR A 166 -10.25 10.35 -27.20
C THR A 166 -10.00 11.71 -27.85
N GLN A 167 -8.84 12.30 -27.59
CA GLN A 167 -8.55 13.59 -28.18
C GLN A 167 -8.03 13.46 -29.61
N HIS A 168 -8.80 14.00 -30.55
CA HIS A 168 -8.42 13.97 -31.95
C HIS A 168 -8.55 15.36 -32.59
N ASN A 169 -7.43 15.87 -33.08
CA ASN A 169 -7.38 17.18 -33.71
C ASN A 169 -7.78 18.30 -32.76
N GLY A 170 -7.51 18.11 -31.48
CA GLY A 170 -7.86 19.11 -30.50
C GLY A 170 -9.13 18.71 -29.80
N GLU A 171 -10.19 18.51 -30.58
CA GLU A 171 -11.50 18.12 -30.06
C GLU A 171 -11.61 16.73 -29.44
N TRP A 172 -12.37 16.64 -28.35
CA TRP A 172 -12.61 15.38 -27.64
C TRP A 172 -13.80 14.69 -28.27
N LYS A 173 -13.54 13.62 -29.04
CA LYS A 173 -14.63 12.89 -29.67
C LYS A 173 -14.80 11.59 -28.89
N THR A 174 -15.87 10.85 -29.14
CA THR A 174 -16.03 9.59 -28.43
C THR A 174 -15.14 8.55 -29.09
N LEU A 175 -15.00 7.39 -28.45
CA LEU A 175 -14.19 6.30 -28.97
C LEU A 175 -14.82 5.60 -30.15
N SER A 176 -13.96 5.03 -30.98
CA SER A 176 -14.35 4.34 -32.19
C SER A 176 -15.20 3.11 -31.93
N SER A 177 -16.39 3.11 -32.52
CA SER A 177 -17.33 2.00 -32.37
C SER A 177 -17.70 1.58 -33.78
N ASP A 178 -17.77 0.27 -34.02
CA ASP A 178 -18.14 -0.23 -35.34
C ASP A 178 -18.38 -1.74 -35.36
N LYS A 179 -19.65 -2.11 -35.20
CA LYS A 179 -20.08 -3.51 -35.21
C LYS A 179 -19.63 -4.24 -36.48
N VAL A 180 -19.92 -3.64 -37.64
CA VAL A 180 -19.59 -4.20 -38.95
C VAL A 180 -18.11 -4.52 -39.12
N GLY A 181 -17.40 -3.65 -39.85
CA GLY A 181 -15.99 -3.83 -40.13
C GLY A 181 -15.02 -4.10 -38.98
N LYS A 182 -15.55 -4.20 -37.76
CA LYS A 182 -14.70 -4.47 -36.60
C LYS A 182 -13.41 -3.65 -36.66
N THR A 183 -13.57 -2.36 -36.99
CA THR A 183 -12.45 -1.41 -37.09
C THR A 183 -12.42 -0.52 -35.85
N GLY A 184 -13.40 -0.73 -34.98
CA GLY A 184 -13.51 0.06 -33.77
C GLY A 184 -12.48 -0.31 -32.72
N PHE A 185 -12.07 0.69 -31.95
CA PHE A 185 -11.10 0.49 -30.89
C PHE A 185 -11.45 -0.73 -30.05
N ILE A 186 -12.70 -0.80 -29.64
CA ILE A 186 -13.14 -1.90 -28.82
C ILE A 186 -13.10 -3.23 -29.58
N GLU A 187 -13.41 -3.16 -30.87
CA GLU A 187 -13.37 -4.35 -31.72
C GLU A 187 -11.96 -4.91 -31.84
N ASN A 188 -10.97 -4.03 -31.81
CA ASN A 188 -9.58 -4.46 -31.89
C ASN A 188 -9.15 -4.98 -30.51
N VAL A 189 -9.77 -4.43 -29.48
CA VAL A 189 -9.48 -4.89 -28.13
C VAL A 189 -9.96 -6.34 -28.07
N TYR A 190 -11.18 -6.59 -28.51
CA TYR A 190 -11.67 -7.95 -28.46
C TYR A 190 -10.72 -8.85 -29.25
N ALA A 191 -10.25 -8.37 -30.39
CA ALA A 191 -9.37 -9.17 -31.22
C ALA A 191 -7.89 -9.18 -30.81
N ASN A 192 -7.63 -9.08 -29.51
CA ASN A 192 -6.27 -9.11 -29.03
C ASN A 192 -6.25 -9.38 -27.55
N GLN A 193 -7.40 -9.82 -27.05
CA GLN A 193 -7.55 -10.11 -25.64
C GLN A 193 -6.49 -11.07 -25.15
N ILE A 194 -6.21 -12.12 -25.91
CA ILE A 194 -5.21 -13.10 -25.50
C ILE A 194 -3.80 -12.50 -25.44
N ALA A 195 -3.41 -11.75 -26.46
CA ALA A 195 -2.08 -11.14 -26.53
C ALA A 195 -1.87 -10.17 -25.38
N PHE A 196 -2.85 -9.30 -25.17
CA PHE A 196 -2.82 -8.30 -24.13
C PHE A 196 -2.94 -8.96 -22.76
N GLY A 197 -3.64 -10.09 -22.69
CA GLY A 197 -3.77 -10.77 -21.42
C GLY A 197 -2.46 -11.51 -21.14
N ARG A 198 -1.84 -11.92 -22.23
CA ARG A 198 -0.56 -12.63 -22.22
C ARG A 198 0.53 -11.60 -21.96
N LEU A 199 0.43 -10.46 -22.65
CA LEU A 199 1.40 -9.37 -22.49
C LEU A 199 1.50 -8.96 -21.04
N TYR A 200 0.34 -8.85 -20.38
CA TYR A 200 0.29 -8.50 -18.98
C TYR A 200 0.98 -9.59 -18.12
N ARG A 201 0.66 -10.86 -18.38
CA ARG A 201 1.24 -11.99 -17.65
C ARG A 201 2.73 -12.17 -17.94
N GLU A 202 3.13 -11.86 -19.16
CA GLU A 202 4.52 -11.97 -19.58
C GLU A 202 5.41 -11.04 -18.75
N LYS A 203 4.99 -9.78 -18.62
CA LYS A 203 5.73 -8.78 -17.87
C LYS A 203 5.72 -9.06 -16.38
N LEU A 204 4.79 -9.89 -15.92
CA LEU A 204 4.69 -10.23 -14.51
C LEU A 204 5.58 -11.43 -14.17
N LYS A 205 5.60 -12.42 -15.06
CA LYS A 205 6.44 -13.61 -14.88
C LYS A 205 7.92 -13.21 -14.91
N GLU A 206 8.20 -12.03 -15.43
CA GLU A 206 9.57 -11.53 -15.51
C GLU A 206 9.94 -10.83 -14.22
N GLN A 207 9.03 -10.00 -13.73
CA GLN A 207 9.28 -9.27 -12.50
C GLN A 207 9.30 -10.20 -11.29
N VAL A 208 8.46 -11.23 -11.32
CA VAL A 208 8.40 -12.14 -10.20
C VAL A 208 9.67 -13.00 -10.16
N GLU A 209 10.07 -13.50 -11.32
CA GLU A 209 11.29 -14.32 -11.41
C GLU A 209 12.52 -13.51 -10.98
N ALA A 210 12.51 -12.22 -11.28
CA ALA A 210 13.62 -11.38 -10.86
C ALA A 210 13.59 -11.26 -9.33
N LEU A 211 12.46 -11.61 -8.73
CA LEU A 211 12.33 -11.54 -7.29
C LEU A 211 12.82 -12.83 -6.64
N GLY A 212 13.18 -13.79 -7.50
CA GLY A 212 13.68 -15.07 -7.05
C GLY A 212 12.65 -16.20 -7.08
N TYR A 213 11.43 -15.88 -7.48
CA TYR A 213 10.34 -16.86 -7.54
C TYR A 213 10.37 -17.63 -8.87
N GLU A 214 9.96 -18.90 -8.85
CA GLU A 214 9.95 -19.71 -10.05
C GLU A 214 8.52 -19.78 -10.59
N THR A 215 8.36 -20.17 -11.86
CA THR A 215 7.02 -20.30 -12.45
C THR A 215 6.83 -21.63 -13.21
N GLU A 216 5.58 -22.03 -13.41
CA GLU A 216 5.28 -23.26 -14.12
C GLU A 216 4.04 -23.11 -14.96
N VAL A 217 4.07 -23.68 -16.15
CA VAL A 217 2.94 -23.60 -17.05
C VAL A 217 1.81 -24.50 -16.55
N VAL A 218 0.61 -23.94 -16.44
CA VAL A 218 -0.55 -24.68 -15.95
C VAL A 218 -1.73 -24.66 -16.93
N GLY A 219 -1.70 -23.72 -17.88
CA GLY A 219 -2.75 -23.61 -18.89
C GLY A 219 -2.19 -23.04 -20.18
N LYS A 220 -2.95 -23.13 -21.26
CA LYS A 220 -2.48 -22.61 -22.54
C LYS A 220 -2.27 -21.09 -22.53
N HIS A 221 -1.70 -20.58 -23.61
CA HIS A 221 -1.42 -19.15 -23.79
C HIS A 221 -0.53 -18.53 -22.71
N GLY A 222 0.02 -19.36 -21.82
CA GLY A 222 0.88 -18.87 -20.77
C GLY A 222 0.51 -19.30 -19.37
N MET A 223 -0.77 -19.11 -19.02
CA MET A 223 -1.31 -19.47 -17.71
C MET A 223 -0.36 -20.31 -16.84
N TRP A 224 0.40 -19.62 -16.00
CA TRP A 224 1.34 -20.24 -15.07
C TRP A 224 0.93 -19.97 -13.63
N GLU A 225 1.61 -20.61 -12.69
CA GLU A 225 1.33 -20.40 -11.28
C GLU A 225 2.66 -20.58 -10.54
N MET A 226 2.75 -20.04 -9.33
CA MET A 226 3.96 -20.19 -8.54
C MET A 226 3.98 -21.58 -7.92
N PRO A 227 5.02 -22.38 -8.26
CA PRO A 227 5.22 -23.74 -7.77
C PRO A 227 5.15 -23.78 -6.26
N GLY A 228 4.29 -24.65 -5.75
CA GLY A 228 4.19 -24.77 -4.30
C GLY A 228 3.15 -23.95 -3.57
N VAL A 229 2.56 -22.95 -4.20
CA VAL A 229 1.55 -22.20 -3.47
C VAL A 229 0.27 -23.03 -3.44
N PRO A 230 -0.30 -23.24 -2.26
CA PRO A 230 -1.53 -24.00 -2.01
C PRO A 230 -2.75 -23.49 -2.76
N VAL A 231 -2.53 -23.15 -4.03
CA VAL A 231 -3.58 -22.62 -4.90
C VAL A 231 -4.92 -23.29 -4.68
N GLU A 232 -4.90 -24.62 -4.77
CA GLU A 232 -6.07 -25.47 -4.62
C GLU A 232 -6.87 -25.32 -3.33
N ALA A 233 -6.23 -24.77 -2.29
CA ALA A 233 -6.91 -24.56 -1.01
C ALA A 233 -7.86 -23.36 -1.12
N PHE A 234 -7.99 -22.84 -2.34
CA PHE A 234 -8.84 -21.69 -2.65
C PHE A 234 -9.61 -21.88 -3.96
N SER A 235 -10.00 -23.13 -4.20
CA SER A 235 -10.75 -23.53 -5.39
C SER A 235 -11.79 -24.58 -4.95
N GLY A 236 -12.91 -24.64 -5.66
CA GLY A 236 -13.97 -25.56 -5.30
C GLY A 236 -14.85 -24.83 -4.30
N ARG A 237 -14.56 -23.54 -4.13
CA ARG A 237 -15.28 -22.64 -3.23
C ARG A 237 -15.50 -23.31 -1.87
N VAL A 268 -21.51 -10.06 3.29
CA VAL A 268 -21.20 -10.68 4.59
C VAL A 268 -20.42 -9.70 5.46
N ASP A 269 -19.11 -9.69 5.30
CA ASP A 269 -18.23 -8.81 6.05
C ASP A 269 -16.83 -9.18 5.61
N PRO A 270 -16.09 -8.19 5.10
CA PRO A 270 -14.72 -8.38 4.62
C PRO A 270 -13.83 -9.02 5.68
N GLU A 271 -13.94 -8.52 6.90
CA GLU A 271 -13.14 -9.03 8.01
C GLU A 271 -13.36 -10.52 8.26
N ILE A 272 -14.60 -10.97 8.13
CA ILE A 272 -14.88 -12.38 8.35
C ILE A 272 -14.23 -13.18 7.23
N LYS A 273 -14.16 -12.60 6.02
CA LYS A 273 -13.56 -13.29 4.90
C LYS A 273 -12.05 -13.35 5.05
N MET A 274 -11.49 -12.26 5.55
CA MET A 274 -10.07 -12.22 5.73
C MET A 274 -9.68 -13.37 6.63
N ALA A 275 -10.13 -13.32 7.88
CA ALA A 275 -9.84 -14.37 8.84
C ALA A 275 -9.97 -15.76 8.22
N GLU A 276 -11.10 -16.02 7.58
CA GLU A 276 -11.35 -17.30 6.93
C GLU A 276 -10.14 -17.61 6.06
N TRP A 277 -9.82 -16.70 5.15
CA TRP A 277 -8.67 -16.88 4.25
C TRP A 277 -7.41 -17.23 5.04
N MET A 278 -7.09 -16.39 6.03
CA MET A 278 -5.92 -16.61 6.88
C MET A 278 -5.95 -17.99 7.47
N GLN A 279 -7.10 -18.38 7.98
CA GLN A 279 -7.27 -19.70 8.60
C GLN A 279 -7.10 -20.82 7.56
N THR A 280 -7.80 -20.72 6.43
CA THR A 280 -7.69 -21.75 5.41
C THR A 280 -6.25 -22.00 4.95
N LEU A 281 -5.41 -20.96 5.00
CA LEU A 281 -4.03 -21.13 4.59
C LEU A 281 -3.20 -21.83 5.68
N LYS A 282 -3.36 -21.42 6.93
CA LYS A 282 -2.61 -22.03 8.03
C LYS A 282 -2.86 -23.54 8.06
N GLU A 283 -4.02 -23.93 7.56
CA GLU A 283 -4.40 -25.32 7.52
C GLU A 283 -3.99 -25.95 6.22
N THR A 284 -2.75 -25.69 5.80
CA THR A 284 -2.20 -26.24 4.57
C THR A 284 -0.78 -26.62 4.88
N GLY A 285 -0.24 -25.98 5.90
CA GLY A 285 1.12 -26.26 6.31
C GLY A 285 2.14 -25.66 5.36
N PHE A 286 1.73 -24.68 4.58
CA PHE A 286 2.67 -24.05 3.67
C PHE A 286 3.47 -23.10 4.54
N ASP A 287 4.77 -23.00 4.28
CA ASP A 287 5.60 -22.11 5.08
C ASP A 287 5.85 -20.81 4.33
N ILE A 288 4.87 -19.92 4.39
CA ILE A 288 4.96 -18.63 3.73
C ILE A 288 6.33 -18.00 3.94
N ARG A 289 6.72 -17.84 5.20
CA ARG A 289 8.00 -17.22 5.50
C ARG A 289 9.17 -17.90 4.80
N ALA A 290 9.16 -19.23 4.77
CA ALA A 290 10.24 -20.00 4.16
C ALA A 290 10.25 -19.91 2.64
N TYR A 291 9.08 -20.01 2.04
CA TYR A 291 8.94 -19.92 0.58
C TYR A 291 9.50 -18.57 0.15
N ARG A 292 9.31 -17.57 1.00
CA ARG A 292 9.83 -16.25 0.72
C ARG A 292 11.34 -16.25 0.75
N ASP A 293 11.93 -16.62 1.88
CA ASP A 293 13.38 -16.66 1.97
C ASP A 293 13.91 -17.53 0.87
N ALA A 294 13.17 -18.58 0.55
CA ALA A 294 13.58 -19.48 -0.50
C ALA A 294 13.93 -18.68 -1.74
N ALA A 295 13.12 -17.67 -2.06
CA ALA A 295 13.34 -16.82 -3.22
C ALA A 295 14.40 -15.75 -2.98
N ASP A 296 14.28 -15.03 -1.87
CA ASP A 296 15.24 -14.00 -1.54
C ASP A 296 16.63 -14.52 -1.89
N GLN A 297 16.94 -15.73 -1.44
CA GLN A 297 18.26 -16.33 -1.72
C GLN A 297 18.52 -16.64 -3.18
N ARG A 298 17.57 -17.34 -3.81
CA ARG A 298 17.68 -17.75 -5.20
C ARG A 298 17.97 -16.62 -6.21
N ALA A 299 17.89 -15.37 -5.77
CA ALA A 299 18.17 -14.25 -6.66
C ALA A 299 19.07 -13.23 -5.98
N ASP A 300 18.44 -12.34 -5.20
CA ASP A 300 19.16 -11.31 -4.46
C ASP A 300 20.04 -10.46 -5.37
N MET B 1 -1.60 0.49 14.12
CA MET B 1 -1.69 1.67 13.27
C MET B 1 -0.34 2.24 12.86
N MET B 2 -0.28 2.73 11.62
CA MET B 2 0.93 3.34 11.05
C MET B 2 0.52 4.55 10.24
N SER B 3 0.89 5.75 10.68
CA SER B 3 0.56 6.94 9.91
C SER B 3 1.77 7.19 9.05
N ILE B 4 1.62 8.04 8.04
CA ILE B 4 2.72 8.35 7.14
C ILE B 4 2.85 9.82 6.80
N ALA B 5 4.04 10.37 7.05
CA ALA B 5 4.31 11.77 6.74
C ALA B 5 5.80 11.93 6.54
N GLN B 6 6.18 12.85 5.65
CA GLN B 6 7.59 13.11 5.37
C GLN B 6 8.21 14.15 6.30
N VAL B 7 9.50 14.00 6.52
CA VAL B 7 10.23 14.91 7.36
C VAL B 7 10.43 16.22 6.58
N ARG B 8 10.13 17.36 7.20
CA ARG B 8 10.29 18.64 6.51
C ARG B 8 11.74 18.93 6.12
N SER B 9 12.62 18.95 7.13
CA SER B 9 14.04 19.19 6.96
C SER B 9 14.79 18.81 8.25
N ALA B 10 16.04 18.35 8.10
CA ALA B 10 16.86 17.94 9.24
C ALA B 10 16.88 18.97 10.36
N GLY B 11 16.56 20.21 10.04
CA GLY B 11 16.57 21.27 11.04
C GLY B 11 15.61 21.05 12.19
N SER B 12 14.42 21.63 12.09
CA SER B 12 13.39 21.53 13.12
C SER B 12 13.02 20.08 13.38
N ALA B 13 13.40 19.21 12.46
CA ALA B 13 13.11 17.78 12.60
C ALA B 13 14.00 17.19 13.70
N GLY B 14 15.30 17.19 13.46
CA GLY B 14 16.23 16.65 14.41
C GLY B 14 15.79 16.89 15.84
N ASN B 15 15.32 18.09 16.13
CA ASN B 15 14.89 18.40 17.48
C ASN B 15 13.60 17.73 17.90
N PHE B 16 12.58 17.79 17.04
CA PHE B 16 11.33 17.17 17.41
C PHE B 16 11.53 15.76 17.97
N TYR B 17 12.01 14.86 17.10
CA TYR B 17 12.26 13.46 17.43
C TYR B 17 13.05 13.21 18.71
N THR B 18 13.81 14.21 19.16
CA THR B 18 14.60 14.02 20.36
C THR B 18 14.21 14.90 21.53
N ASP B 19 13.29 15.83 21.31
CA ASP B 19 12.89 16.73 22.38
C ASP B 19 12.53 15.96 23.66
N LYS B 20 13.52 15.87 24.54
CA LYS B 20 13.43 15.16 25.80
C LYS B 20 12.03 15.17 26.42
N ASP B 21 11.23 16.20 26.13
CA ASP B 21 9.89 16.29 26.70
C ASP B 21 8.80 15.65 25.83
N ASN B 22 9.18 14.61 25.11
CA ASN B 22 8.25 13.87 24.25
C ASN B 22 8.24 12.38 24.64
N TYR B 23 9.16 12.00 25.53
CA TYR B 23 9.26 10.63 25.98
C TYR B 23 9.49 10.57 27.48
N TYR B 24 9.29 11.72 28.13
CA TYR B 24 9.47 11.84 29.58
C TYR B 24 8.78 10.70 30.35
N VAL B 25 7.52 10.46 30.04
CA VAL B 25 6.75 9.43 30.72
C VAL B 25 7.39 8.07 30.59
N LEU B 26 7.96 7.78 29.42
CA LEU B 26 8.60 6.50 29.20
C LEU B 26 9.87 6.45 30.03
N GLY B 27 10.66 7.51 29.89
CA GLY B 27 11.92 7.61 30.60
C GLY B 27 13.06 7.62 29.61
N SER B 28 12.88 6.89 28.50
CA SER B 28 13.89 6.80 27.46
C SER B 28 13.15 6.72 26.15
N MET B 29 13.85 6.92 25.03
CA MET B 29 13.18 6.86 23.74
C MET B 29 13.55 5.60 22.93
N GLY B 30 14.53 4.85 23.45
CA GLY B 30 14.97 3.62 22.80
C GLY B 30 15.43 3.82 21.39
N GLU B 31 15.84 5.03 21.07
CA GLU B 31 16.31 5.33 19.73
C GLU B 31 17.28 4.27 19.21
N ARG B 32 16.96 3.75 18.03
CA ARG B 32 17.78 2.71 17.42
C ARG B 32 17.82 2.81 15.90
N TRP B 33 18.87 2.27 15.31
CA TRP B 33 19.00 2.27 13.87
C TRP B 33 18.20 1.08 13.39
N ALA B 34 18.26 0.81 12.08
CA ALA B 34 17.56 -0.32 11.47
C ALA B 34 17.83 -0.29 9.97
N GLY B 35 17.56 -1.42 9.31
CA GLY B 35 17.75 -1.53 7.88
C GLY B 35 19.08 -2.06 7.43
N ARG B 36 19.08 -2.80 6.32
CA ARG B 36 20.29 -3.36 5.75
C ARG B 36 21.13 -2.16 5.31
N GLY B 37 20.43 -1.05 5.07
CA GLY B 37 21.07 0.19 4.67
C GLY B 37 21.92 0.70 5.79
N ALA B 38 21.31 0.84 6.97
CA ALA B 38 22.05 1.31 8.13
C ALA B 38 23.25 0.39 8.36
N GLU B 39 22.98 -0.92 8.41
CA GLU B 39 24.03 -1.91 8.65
C GLU B 39 25.20 -1.66 7.71
N GLN B 40 24.91 -1.60 6.40
CA GLN B 40 25.96 -1.38 5.43
C GLN B 40 26.57 0.01 5.56
N LEU B 41 26.01 0.83 6.44
CA LEU B 41 26.49 2.19 6.67
C LEU B 41 27.26 2.33 7.97
N GLY B 42 27.39 1.24 8.72
CA GLY B 42 28.10 1.30 9.97
C GLY B 42 27.33 2.05 11.05
N LEU B 43 26.01 1.94 10.99
CA LEU B 43 25.14 2.59 11.95
C LEU B 43 24.39 1.54 12.75
N GLN B 44 25.01 1.08 13.84
CA GLN B 44 24.39 0.06 14.71
C GLN B 44 24.05 0.61 16.08
N GLY B 45 23.00 0.06 16.68
CA GLY B 45 22.58 0.46 18.00
C GLY B 45 22.02 1.87 18.09
N SER B 46 22.38 2.56 19.17
CA SER B 46 21.92 3.92 19.44
C SER B 46 22.11 4.88 18.28
N VAL B 47 21.31 5.96 18.29
CA VAL B 47 21.38 6.97 17.23
C VAL B 47 21.85 8.34 17.74
N ASP B 48 22.90 8.86 17.13
CA ASP B 48 23.49 10.16 17.47
C ASP B 48 22.77 11.34 16.80
N LYS B 49 22.11 12.16 17.62
CA LYS B 49 21.37 13.32 17.14
C LYS B 49 22.05 14.00 15.95
N ASP B 50 23.38 14.04 16.02
CA ASP B 50 24.19 14.69 15.00
C ASP B 50 24.28 13.93 13.67
N VAL B 51 24.56 12.64 13.72
CA VAL B 51 24.67 11.85 12.50
C VAL B 51 23.31 11.78 11.81
N PHE B 52 22.25 11.81 12.62
CA PHE B 52 20.88 11.75 12.15
C PHE B 52 20.56 12.95 11.26
N THR B 53 20.86 14.13 11.78
CA THR B 53 20.63 15.36 11.02
C THR B 53 21.39 15.19 9.70
N ARG B 54 22.72 15.26 9.75
CA ARG B 54 23.54 15.09 8.54
C ARG B 54 22.85 14.17 7.55
N LEU B 55 22.50 12.98 8.04
CA LEU B 55 21.81 12.00 7.22
C LEU B 55 20.62 12.65 6.54
N LEU B 56 19.65 13.07 7.33
CA LEU B 56 18.46 13.73 6.81
C LEU B 56 18.89 14.76 5.76
N GLU B 57 20.00 15.43 6.01
CA GLU B 57 20.55 16.45 5.11
C GLU B 57 21.46 15.86 4.05
N GLY B 58 21.11 14.67 3.57
CA GLY B 58 21.91 14.03 2.53
C GLY B 58 23.39 13.89 2.82
N ARG B 59 23.78 14.05 4.09
CA ARG B 59 25.18 13.91 4.47
C ARG B 59 25.40 12.60 5.20
N LEU B 60 25.70 11.56 4.42
CA LEU B 60 25.97 10.24 4.95
C LEU B 60 27.33 10.29 5.63
N PRO B 61 27.50 9.58 6.76
CA PRO B 61 28.83 9.65 7.37
C PRO B 61 29.83 8.94 6.48
N ASP B 62 30.51 9.72 5.64
CA ASP B 62 31.53 9.23 4.73
C ASP B 62 30.97 8.47 3.52
N GLY B 63 30.56 9.22 2.50
CA GLY B 63 30.01 8.62 1.28
C GLY B 63 28.91 9.45 0.64
N ALA B 64 28.52 10.53 1.31
CA ALA B 64 27.45 11.41 0.83
C ALA B 64 27.79 12.09 -0.50
N SER B 73 16.35 12.65 -10.43
CA SER B 73 17.00 13.92 -10.10
C SER B 73 16.00 14.85 -9.43
N ASN B 74 14.77 14.35 -9.29
CA ASN B 74 13.69 15.08 -8.66
C ASN B 74 13.49 14.56 -7.24
N ARG B 75 14.36 15.03 -6.35
CA ARG B 75 14.35 14.65 -4.95
C ARG B 75 15.23 15.65 -4.19
N HIS B 76 14.83 15.98 -2.97
CA HIS B 76 15.56 16.93 -2.14
C HIS B 76 14.79 16.96 -0.83
N ARG B 77 14.29 15.79 -0.41
CA ARG B 77 13.52 15.64 0.83
C ARG B 77 14.34 14.84 1.87
N PRO B 78 14.13 15.12 3.17
CA PRO B 78 14.83 14.44 4.28
C PRO B 78 14.68 12.92 4.21
N GLY B 79 13.43 12.50 4.28
CA GLY B 79 13.04 11.10 4.24
C GLY B 79 11.59 11.08 4.66
N TYR B 80 11.12 10.00 5.27
CA TYR B 80 9.73 9.95 5.68
C TYR B 80 9.57 9.44 7.10
N ASP B 81 8.49 9.85 7.75
CA ASP B 81 8.20 9.45 9.13
C ASP B 81 7.04 8.45 9.20
N LEU B 82 7.32 7.22 9.62
CA LEU B 82 6.29 6.18 9.72
C LEU B 82 5.98 5.79 11.19
N THR B 83 5.01 6.48 11.79
CA THR B 83 4.62 6.26 13.19
C THR B 83 3.78 5.03 13.46
N PHE B 84 4.12 4.28 14.51
CA PHE B 84 3.39 3.08 14.90
C PHE B 84 2.74 3.23 16.28
N SER B 85 1.45 3.53 16.30
CA SER B 85 0.72 3.69 17.55
C SER B 85 0.25 2.35 18.10
N ALA B 86 0.43 2.15 19.41
CA ALA B 86 -0.01 0.93 20.05
C ALA B 86 -1.42 1.18 20.56
N PRO B 87 -2.23 0.12 20.75
CA PRO B 87 -3.59 0.34 21.24
C PRO B 87 -3.61 1.13 22.54
N LYS B 88 -4.69 1.85 22.78
CA LYS B 88 -4.80 2.67 23.98
C LYS B 88 -4.59 1.90 25.28
N SER B 89 -4.98 0.62 25.29
CA SER B 89 -4.85 -0.23 26.47
C SER B 89 -3.40 -0.45 26.81
N VAL B 90 -2.70 -1.14 25.91
CA VAL B 90 -1.29 -1.45 26.07
C VAL B 90 -0.46 -0.24 26.45
N SER B 91 -0.80 0.92 25.88
CA SER B 91 -0.07 2.15 26.19
C SER B 91 -0.16 2.38 27.69
N MET B 92 -1.36 2.25 28.23
CA MET B 92 -1.55 2.42 29.67
C MET B 92 -0.72 1.41 30.43
N MET B 93 -0.99 0.13 30.17
CA MET B 93 -0.30 -0.98 30.85
C MET B 93 1.22 -0.87 30.91
N ALA B 94 1.84 -0.41 29.84
CA ALA B 94 3.29 -0.28 29.83
C ALA B 94 3.75 0.88 30.73
N MET B 95 3.41 2.10 30.30
CA MET B 95 3.78 3.29 31.05
C MET B 95 3.14 3.34 32.43
N LEU B 96 1.81 3.45 32.48
CA LEU B 96 1.09 3.53 33.75
C LEU B 96 0.99 2.21 34.53
N GLY B 97 0.86 1.10 33.83
CA GLY B 97 0.76 -0.19 34.50
C GLY B 97 2.11 -0.73 34.90
N GLY B 98 3.16 -0.16 34.34
CA GLY B 98 4.49 -0.60 34.67
C GLY B 98 5.00 -1.87 34.03
N ASP B 99 4.19 -2.53 33.21
CA ASP B 99 4.66 -3.74 32.56
C ASP B 99 5.47 -3.29 31.37
N LYS B 100 6.79 -3.30 31.52
CA LYS B 100 7.67 -2.88 30.45
C LYS B 100 7.89 -3.96 29.37
N ARG B 101 7.53 -5.19 29.68
CA ARG B 101 7.65 -6.26 28.69
C ARG B 101 6.84 -5.82 27.48
N LEU B 102 5.70 -5.19 27.74
CA LEU B 102 4.85 -4.71 26.68
C LEU B 102 5.65 -3.85 25.72
N ILE B 103 6.38 -2.89 26.28
CA ILE B 103 7.17 -1.99 25.46
C ILE B 103 8.16 -2.76 24.56
N ASP B 104 8.92 -3.69 25.14
CA ASP B 104 9.86 -4.48 24.34
C ASP B 104 9.09 -5.09 23.15
N ALA B 105 7.86 -5.50 23.40
CA ALA B 105 7.02 -6.12 22.38
C ALA B 105 6.54 -5.13 21.32
N HIS B 106 6.26 -3.89 21.74
CA HIS B 106 5.80 -2.86 20.82
C HIS B 106 6.86 -2.63 19.75
N ASN B 107 8.09 -2.51 20.22
CA ASN B 107 9.23 -2.29 19.34
C ASN B 107 9.35 -3.49 18.43
N GLN B 108 9.52 -4.66 19.03
CA GLN B 108 9.64 -5.90 18.29
C GLN B 108 8.66 -5.95 17.14
N ALA B 109 7.45 -5.47 17.39
CA ALA B 109 6.40 -5.45 16.40
C ALA B 109 6.74 -4.47 15.29
N VAL B 110 7.41 -3.40 15.66
CA VAL B 110 7.81 -2.39 14.67
C VAL B 110 8.94 -2.93 13.80
N ASP B 111 10.04 -3.32 14.44
CA ASP B 111 11.20 -3.84 13.72
C ASP B 111 10.73 -4.89 12.73
N PHE B 112 9.60 -5.51 13.05
CA PHE B 112 9.05 -6.56 12.22
C PHE B 112 8.32 -6.05 11.00
N ALA B 113 7.39 -5.12 11.21
CA ALA B 113 6.65 -4.54 10.10
C ALA B 113 7.58 -3.63 9.29
N VAL B 114 8.56 -3.04 9.96
CA VAL B 114 9.51 -2.13 9.30
C VAL B 114 10.49 -2.85 8.37
N ARG B 115 10.72 -4.12 8.66
CA ARG B 115 11.61 -4.95 7.86
C ARG B 115 10.85 -5.29 6.58
N GLN B 116 9.53 -5.15 6.64
CA GLN B 116 8.62 -5.41 5.53
C GLN B 116 8.49 -4.19 4.62
N VAL B 117 8.64 -3.01 5.21
CA VAL B 117 8.55 -1.79 4.47
C VAL B 117 9.85 -1.65 3.71
N GLU B 118 10.93 -2.18 4.27
CA GLU B 118 12.24 -2.09 3.64
C GLU B 118 12.29 -2.86 2.31
N ALA B 119 11.42 -3.86 2.18
CA ALA B 119 11.36 -4.69 0.98
C ALA B 119 10.92 -3.95 -0.26
N LEU B 120 10.40 -2.74 -0.06
CA LEU B 120 9.92 -1.92 -1.15
C LEU B 120 10.91 -0.81 -1.47
N ALA B 121 12.08 -0.82 -0.83
CA ALA B 121 13.06 0.22 -1.10
C ALA B 121 13.38 0.18 -2.58
N SER B 122 13.44 1.35 -3.20
CA SER B 122 13.75 1.45 -4.62
C SER B 122 14.34 2.80 -4.99
N THR B 123 14.85 2.91 -6.20
CA THR B 123 15.43 4.15 -6.70
C THR B 123 15.16 4.28 -8.19
N ARG B 124 15.18 5.54 -8.65
CA ARG B 124 14.94 5.87 -10.04
C ARG B 124 16.22 5.61 -10.83
N VAL B 125 16.05 5.35 -12.11
CA VAL B 125 17.16 5.07 -13.01
C VAL B 125 16.67 5.15 -14.45
N MET B 126 17.10 6.17 -15.18
CA MET B 126 16.66 6.28 -16.56
C MET B 126 17.68 5.74 -17.55
N THR B 127 17.93 4.44 -17.47
CA THR B 127 18.87 3.78 -18.37
C THR B 127 18.54 4.13 -19.82
N ASP B 128 19.54 4.57 -20.57
CA ASP B 128 19.38 4.95 -21.98
C ASP B 128 18.69 6.31 -22.16
N GLY B 129 17.77 6.61 -21.23
CA GLY B 129 17.04 7.87 -21.29
C GLY B 129 15.58 7.66 -20.92
N GLN B 130 15.34 6.61 -20.12
CA GLN B 130 14.01 6.24 -19.67
C GLN B 130 14.03 5.86 -18.19
N SER B 131 13.41 6.69 -17.36
CA SER B 131 13.36 6.49 -15.91
C SER B 131 12.43 5.38 -15.43
N GLU B 132 13.02 4.28 -14.99
CA GLU B 132 12.24 3.15 -14.49
C GLU B 132 12.67 2.89 -13.05
N THR B 133 11.71 2.66 -12.17
CA THR B 133 12.00 2.40 -10.77
C THR B 133 12.67 1.03 -10.65
N VAL B 134 13.54 0.86 -9.67
CA VAL B 134 14.21 -0.43 -9.50
C VAL B 134 14.42 -0.79 -8.03
N LEU B 135 13.99 -2.00 -7.68
CA LEU B 135 14.09 -2.50 -6.31
C LEU B 135 15.50 -2.54 -5.75
N THR B 136 15.62 -2.15 -4.49
CA THR B 136 16.90 -2.09 -3.79
C THR B 136 16.85 -2.79 -2.45
N GLY B 137 15.65 -2.92 -1.88
CA GLY B 137 15.48 -3.62 -0.62
C GLY B 137 16.20 -3.12 0.63
N ASN B 138 16.81 -1.94 0.56
CA ASN B 138 17.49 -1.40 1.73
C ASN B 138 17.02 0.02 2.06
N LEU B 139 16.95 0.29 3.35
CA LEU B 139 16.54 1.60 3.85
C LEU B 139 17.37 1.89 5.07
N VAL B 140 17.64 3.16 5.34
CA VAL B 140 18.37 3.48 6.53
C VAL B 140 17.33 4.14 7.43
N MET B 141 16.96 3.44 8.51
CA MET B 141 15.96 3.95 9.42
C MET B 141 16.48 4.37 10.78
N ALA B 142 15.66 5.18 11.45
CA ALA B 142 15.94 5.65 12.79
C ALA B 142 14.58 5.51 13.49
N LEU B 143 14.53 4.80 14.61
CA LEU B 143 13.26 4.59 15.30
C LEU B 143 13.27 5.25 16.66
N PHE B 144 12.39 6.23 16.82
CA PHE B 144 12.31 6.95 18.08
C PHE B 144 11.00 6.66 18.79
N ASN B 145 11.05 6.53 20.11
CA ASN B 145 9.85 6.25 20.85
C ASN B 145 9.35 7.42 21.68
N HIS B 146 8.05 7.67 21.57
CA HIS B 146 7.38 8.75 22.31
C HIS B 146 6.18 8.18 23.05
N ASP B 147 5.77 8.85 24.13
CA ASP B 147 4.66 8.40 24.97
C ASP B 147 3.32 9.08 24.83
N THR B 148 3.28 10.41 24.86
CA THR B 148 2.02 11.11 24.74
C THR B 148 1.53 11.23 23.30
N SER B 149 0.23 11.48 23.17
CA SER B 149 -0.41 11.65 21.87
C SER B 149 -0.69 13.14 21.74
N ARG B 150 -1.61 13.51 20.87
CA ARG B 150 -1.95 14.92 20.66
C ARG B 150 -2.97 15.38 21.70
N ASP B 151 -4.05 14.62 21.87
CA ASP B 151 -5.09 14.96 22.82
C ASP B 151 -4.56 14.90 24.26
N GLN B 152 -3.29 14.53 24.40
CA GLN B 152 -2.61 14.45 25.69
C GLN B 152 -2.87 13.19 26.52
N GLU B 153 -2.94 12.04 25.83
CA GLU B 153 -3.18 10.75 26.47
C GLU B 153 -1.95 9.87 26.34
N PRO B 154 -1.90 8.76 27.10
CA PRO B 154 -0.77 7.84 27.05
C PRO B 154 -0.85 7.00 25.78
N GLN B 155 0.06 7.23 24.84
CA GLN B 155 0.04 6.48 23.58
C GLN B 155 1.41 6.06 23.10
N LEU B 156 1.93 4.99 23.68
CA LEU B 156 3.24 4.48 23.31
C LEU B 156 3.32 4.31 21.80
N HIS B 157 4.16 5.09 21.15
CA HIS B 157 4.31 4.99 19.69
C HIS B 157 5.73 5.24 19.22
N THR B 158 6.04 4.70 18.06
CA THR B 158 7.37 4.85 17.48
C THR B 158 7.36 5.57 16.15
N HIS B 159 8.30 6.49 16.01
CA HIS B 159 8.47 7.27 14.81
C HIS B 159 9.58 6.63 13.98
N ALA B 160 9.22 5.83 12.98
CA ALA B 160 10.25 5.21 12.15
C ALA B 160 10.57 6.21 11.06
N VAL B 161 11.71 6.85 11.24
CA VAL B 161 12.15 7.86 10.31
C VAL B 161 13.00 7.20 9.24
N VAL B 162 12.46 7.17 8.02
CA VAL B 162 13.13 6.57 6.88
C VAL B 162 13.91 7.63 6.11
N ALA B 163 15.22 7.51 6.08
CA ALA B 163 16.05 8.47 5.36
C ALA B 163 15.83 8.39 3.86
N ASN B 164 15.96 9.52 3.17
CA ASN B 164 15.76 9.52 1.71
C ASN B 164 17.02 9.06 1.00
N VAL B 165 17.41 7.82 1.27
CA VAL B 165 18.60 7.23 0.66
C VAL B 165 18.46 5.73 0.71
N THR B 166 19.10 5.08 -0.25
CA THR B 166 19.11 3.63 -0.38
C THR B 166 20.27 3.33 -1.31
N GLN B 167 20.99 2.25 -1.06
CA GLN B 167 22.12 1.91 -1.92
C GLN B 167 21.73 0.97 -3.07
N HIS B 168 22.12 1.33 -4.29
CA HIS B 168 21.80 0.54 -5.47
C HIS B 168 23.01 0.25 -6.36
N ASN B 169 23.33 -1.02 -6.54
CA ASN B 169 24.47 -1.46 -7.35
C ASN B 169 25.77 -0.88 -6.79
N GLY B 170 25.71 -0.41 -5.54
CA GLY B 170 26.86 0.18 -4.90
C GLY B 170 26.67 1.68 -4.72
N GLU B 171 26.20 2.36 -5.76
CA GLU B 171 25.97 3.80 -5.67
C GLU B 171 24.89 4.09 -4.64
N TRP B 172 25.01 5.21 -3.95
CA TRP B 172 24.04 5.57 -2.95
C TRP B 172 22.98 6.53 -3.49
N LYS B 173 22.24 6.08 -4.48
CA LYS B 173 21.18 6.89 -5.04
C LYS B 173 20.13 7.13 -3.95
N THR B 174 19.13 7.95 -4.25
CA THR B 174 18.06 8.24 -3.29
C THR B 174 16.90 7.27 -3.50
N LEU B 175 15.84 7.41 -2.71
CA LEU B 175 14.67 6.55 -2.84
C LEU B 175 13.78 6.97 -4.00
N SER B 176 13.10 6.00 -4.59
CA SER B 176 12.20 6.22 -5.72
C SER B 176 10.97 7.07 -5.38
N SER B 177 10.57 7.94 -6.30
CA SER B 177 9.41 8.78 -6.10
C SER B 177 8.68 9.03 -7.40
N ASP B 178 7.65 8.24 -7.62
CA ASP B 178 6.85 8.36 -8.83
C ASP B 178 5.39 8.54 -8.46
N LYS B 179 4.95 9.79 -8.43
CA LYS B 179 3.57 10.10 -8.10
C LYS B 179 2.69 9.83 -9.32
N VAL B 180 3.29 9.77 -10.50
CA VAL B 180 2.51 9.48 -11.68
C VAL B 180 2.62 7.99 -11.95
N GLY B 181 1.73 7.23 -11.34
CA GLY B 181 1.75 5.77 -11.51
C GLY B 181 2.02 5.04 -10.20
N LYS B 182 2.40 5.80 -9.17
CA LYS B 182 2.68 5.28 -7.82
C LYS B 182 3.58 4.05 -7.76
N THR B 183 4.77 4.13 -8.35
CA THR B 183 5.69 3.00 -8.33
C THR B 183 6.94 3.24 -7.52
N GLY B 184 6.94 4.28 -6.70
CA GLY B 184 8.10 4.60 -5.88
C GLY B 184 7.91 4.21 -4.44
N PHE B 185 9.02 4.00 -3.73
CA PHE B 185 8.97 3.60 -2.34
C PHE B 185 7.85 4.22 -1.52
N ILE B 186 7.91 5.52 -1.34
CA ILE B 186 6.92 6.19 -0.53
C ILE B 186 5.51 6.04 -1.07
N GLU B 187 5.36 5.99 -2.38
CA GLU B 187 4.05 5.80 -2.99
C GLU B 187 3.52 4.41 -2.60
N ASN B 188 4.38 3.40 -2.77
CA ASN B 188 4.04 2.02 -2.46
C ASN B 188 3.85 1.75 -0.97
N VAL B 189 4.26 2.70 -0.14
CA VAL B 189 4.04 2.50 1.26
C VAL B 189 2.58 2.89 1.46
N TYR B 190 2.18 4.04 0.94
CA TYR B 190 0.79 4.47 1.06
C TYR B 190 -0.11 3.35 0.54
N ALA B 191 0.33 2.73 -0.55
CA ALA B 191 -0.41 1.65 -1.17
C ALA B 191 -0.72 0.54 -0.18
N ASN B 192 0.22 0.29 0.72
CA ASN B 192 0.07 -0.76 1.70
C ASN B 192 0.16 -0.23 3.13
N GLN B 193 -0.37 0.98 3.31
CA GLN B 193 -0.35 1.61 4.61
C GLN B 193 -1.14 0.78 5.63
N ILE B 194 -2.46 0.76 5.45
CA ILE B 194 -3.37 0.02 6.33
C ILE B 194 -2.93 -1.41 6.59
N ALA B 195 -2.27 -2.02 5.61
CA ALA B 195 -1.76 -3.39 5.70
C ALA B 195 -0.50 -3.48 6.56
N PHE B 196 0.44 -2.59 6.26
CA PHE B 196 1.68 -2.60 6.99
C PHE B 196 1.38 -2.57 8.46
N GLY B 197 0.72 -1.50 8.89
CA GLY B 197 0.38 -1.35 10.30
C GLY B 197 -0.41 -2.53 10.82
N ARG B 198 -1.24 -3.10 9.95
CA ARG B 198 -2.05 -4.26 10.30
C ARG B 198 -1.07 -5.38 10.70
N LEU B 199 -0.01 -5.52 9.93
CA LEU B 199 0.99 -6.54 10.19
C LEU B 199 1.66 -6.28 11.53
N TYR B 200 1.79 -5.01 11.88
CA TYR B 200 2.41 -4.61 13.14
C TYR B 200 1.51 -5.02 14.30
N ARG B 201 0.23 -4.71 14.18
CA ARG B 201 -0.76 -5.04 15.21
C ARG B 201 -0.81 -6.53 15.46
N GLU B 202 -0.89 -7.30 14.39
CA GLU B 202 -0.94 -8.74 14.52
C GLU B 202 0.27 -9.22 15.35
N LYS B 203 1.48 -8.90 14.89
CA LYS B 203 2.69 -9.31 15.61
C LYS B 203 2.61 -8.99 17.11
N LEU B 204 2.20 -7.75 17.41
CA LEU B 204 2.05 -7.28 18.77
C LEU B 204 1.07 -8.20 19.50
N LYS B 205 -0.18 -8.17 19.03
CA LYS B 205 -1.24 -9.01 19.56
C LYS B 205 -0.63 -10.32 20.05
N GLU B 206 0.17 -10.96 19.21
CA GLU B 206 0.78 -12.23 19.57
C GLU B 206 1.43 -12.17 20.94
N GLN B 207 2.50 -11.37 21.03
CA GLN B 207 3.27 -11.20 22.25
C GLN B 207 2.44 -10.83 23.47
N VAL B 208 1.63 -9.79 23.34
CA VAL B 208 0.77 -9.36 24.43
C VAL B 208 0.01 -10.57 24.98
N GLU B 209 -0.56 -11.35 24.07
CA GLU B 209 -1.30 -12.54 24.46
C GLU B 209 -0.43 -13.59 25.16
N ALA B 210 0.78 -13.80 24.64
CA ALA B 210 1.73 -14.77 25.20
C ALA B 210 2.24 -14.45 26.60
N LEU B 211 2.03 -13.21 27.06
CA LEU B 211 2.48 -12.80 28.38
C LEU B 211 1.35 -12.97 29.36
N GLY B 212 0.17 -13.25 28.83
CA GLY B 212 -1.01 -13.45 29.65
C GLY B 212 -2.23 -12.64 29.26
N TYR B 213 -2.01 -11.41 28.79
CA TYR B 213 -3.11 -10.54 28.43
C TYR B 213 -4.00 -11.12 27.36
N GLU B 214 -5.27 -10.74 27.39
CA GLU B 214 -6.23 -11.20 26.41
C GLU B 214 -6.47 -10.05 25.45
N THR B 215 -7.16 -10.33 24.36
CA THR B 215 -7.43 -9.30 23.38
C THR B 215 -8.88 -9.40 22.95
N GLU B 216 -9.47 -8.25 22.64
CA GLU B 216 -10.85 -8.18 22.23
C GLU B 216 -10.84 -7.35 20.95
N VAL B 217 -11.55 -7.83 19.93
CA VAL B 217 -11.60 -7.14 18.65
C VAL B 217 -12.57 -5.96 18.75
N VAL B 218 -12.05 -4.75 18.55
CA VAL B 218 -12.88 -3.55 18.63
C VAL B 218 -12.73 -2.63 17.42
N GLY B 219 -13.01 -3.16 16.23
CA GLY B 219 -12.89 -2.33 15.04
C GLY B 219 -12.68 -3.09 13.74
N LYS B 220 -12.06 -2.39 12.79
CA LYS B 220 -11.76 -2.94 11.47
C LYS B 220 -10.26 -3.05 11.31
N HIS B 221 -9.82 -3.80 10.31
CA HIS B 221 -8.39 -3.99 10.07
C HIS B 221 -7.74 -4.63 11.29
N GLY B 222 -8.56 -5.23 12.13
CA GLY B 222 -8.06 -5.88 13.32
C GLY B 222 -7.56 -4.92 14.38
N MET B 223 -8.41 -4.00 14.82
CA MET B 223 -8.04 -3.06 15.87
C MET B 223 -8.48 -3.73 17.15
N TRP B 224 -7.66 -3.67 18.19
CA TRP B 224 -8.02 -4.34 19.42
C TRP B 224 -7.42 -3.69 20.66
N GLU B 225 -8.10 -3.86 21.79
CA GLU B 225 -7.66 -3.34 23.08
C GLU B 225 -7.66 -4.51 24.06
N MET B 226 -7.05 -4.32 25.23
CA MET B 226 -7.03 -5.38 26.24
C MET B 226 -8.27 -5.27 27.12
N PRO B 227 -9.14 -6.31 27.08
CA PRO B 227 -10.40 -6.46 27.80
C PRO B 227 -10.46 -5.89 29.20
N GLY B 228 -11.43 -5.03 29.45
CA GLY B 228 -11.60 -4.47 30.76
C GLY B 228 -10.65 -3.36 31.18
N VAL B 229 -9.74 -2.99 30.29
CA VAL B 229 -8.81 -1.92 30.62
C VAL B 229 -9.44 -0.61 30.18
N PRO B 230 -9.38 0.42 31.03
CA PRO B 230 -9.92 1.77 30.82
C PRO B 230 -9.55 2.43 29.51
N VAL B 231 -9.42 1.64 28.46
CA VAL B 231 -9.07 2.20 27.15
C VAL B 231 -9.87 3.47 26.94
N GLU B 232 -11.15 3.40 27.27
CA GLU B 232 -12.06 4.53 27.11
C GLU B 232 -11.90 5.62 28.18
N ALA B 233 -11.58 5.22 29.41
CA ALA B 233 -11.39 6.18 30.51
C ALA B 233 -10.33 7.20 30.13
N PHE B 234 -9.74 6.97 28.96
CA PHE B 234 -8.71 7.84 28.43
C PHE B 234 -8.99 8.16 26.97
N SER B 235 -10.26 8.22 26.60
CA SER B 235 -10.65 8.53 25.23
C SER B 235 -9.97 7.61 24.22
N SER B 264 -0.94 20.85 13.96
CA SER B 264 -0.52 21.87 14.91
C SER B 264 0.97 21.73 15.21
N LYS B 265 1.29 21.16 16.37
CA LYS B 265 2.67 20.96 16.81
C LYS B 265 3.48 22.24 16.76
N HIS B 267 4.00 22.50 25.57
CA HIS B 267 2.70 21.83 25.43
C HIS B 267 1.83 21.93 26.68
N VAL B 268 2.02 20.99 27.61
CA VAL B 268 1.22 20.96 28.84
C VAL B 268 2.01 20.54 30.09
N ASP B 269 3.34 20.52 29.97
CA ASP B 269 4.25 20.15 31.06
C ASP B 269 4.43 18.65 31.31
N PRO B 270 5.67 18.22 31.62
CA PRO B 270 6.05 16.83 31.90
C PRO B 270 5.50 16.22 33.19
N GLU B 271 6.21 16.45 34.29
CA GLU B 271 5.84 15.90 35.59
C GLU B 271 4.34 15.92 35.88
N ILE B 272 3.74 17.10 35.85
CA ILE B 272 2.30 17.24 36.12
C ILE B 272 1.47 16.29 35.25
N LYS B 273 1.70 16.38 33.95
CA LYS B 273 1.02 15.55 32.94
C LYS B 273 0.80 14.13 33.46
N MET B 274 1.85 13.53 34.02
CA MET B 274 1.72 12.20 34.57
C MET B 274 0.69 12.18 35.68
N ALA B 275 1.02 12.84 36.80
CA ALA B 275 0.11 12.90 37.94
C ALA B 275 -1.31 13.06 37.45
N GLU B 276 -1.45 13.70 36.30
CA GLU B 276 -2.74 13.91 35.69
C GLU B 276 -3.35 12.55 35.39
N TRP B 277 -2.61 11.75 34.63
CA TRP B 277 -3.07 10.42 34.25
C TRP B 277 -3.18 9.46 35.44
N MET B 278 -2.05 9.16 36.08
CA MET B 278 -2.06 8.24 37.22
C MET B 278 -3.24 8.53 38.14
N GLN B 279 -3.52 9.81 38.34
CA GLN B 279 -4.63 10.22 39.19
C GLN B 279 -5.93 9.72 38.59
N THR B 280 -6.36 10.34 37.49
CA THR B 280 -7.58 9.93 36.81
C THR B 280 -7.62 8.41 36.65
N LEU B 281 -6.44 7.81 36.61
CA LEU B 281 -6.28 6.35 36.46
C LEU B 281 -6.79 5.61 37.70
N LYS B 282 -6.53 6.18 38.87
CA LYS B 282 -6.97 5.59 40.13
C LYS B 282 -8.43 5.95 40.38
N GLU B 283 -8.85 7.08 39.80
CA GLU B 283 -10.21 7.56 39.98
C GLU B 283 -11.21 6.72 39.18
N THR B 284 -10.71 5.78 38.39
CA THR B 284 -11.56 4.91 37.58
C THR B 284 -12.03 3.68 38.35
N GLY B 285 -11.10 2.80 38.68
CA GLY B 285 -11.46 1.60 39.42
C GLY B 285 -10.64 0.39 39.02
N PHE B 286 -9.87 0.54 37.94
CA PHE B 286 -9.02 -0.53 37.43
C PHE B 286 -7.93 -0.91 38.43
N ASP B 287 -7.89 -2.21 38.79
CA ASP B 287 -6.91 -2.71 39.74
C ASP B 287 -5.68 -3.18 38.97
N ILE B 288 -4.88 -2.22 38.53
CA ILE B 288 -3.68 -2.48 37.76
C ILE B 288 -3.02 -3.80 38.16
N ARG B 289 -2.34 -3.82 39.31
CA ARG B 289 -1.68 -5.03 39.74
C ARG B 289 -2.50 -6.27 39.44
N ALA B 290 -3.68 -6.36 40.05
CA ALA B 290 -4.56 -7.51 39.85
C ALA B 290 -4.50 -7.98 38.41
N TYR B 291 -4.57 -7.03 37.48
CA TYR B 291 -4.52 -7.33 36.06
C TYR B 291 -3.23 -8.06 35.70
N ARG B 292 -2.08 -7.46 36.00
CA ARG B 292 -0.82 -8.11 35.68
C ARG B 292 -0.76 -9.50 36.27
N ASP B 293 -0.64 -9.58 37.58
CA ASP B 293 -0.58 -10.87 38.28
C ASP B 293 -1.55 -11.88 37.68
N ALA B 294 -2.68 -11.39 37.18
CA ALA B 294 -3.70 -12.25 36.59
C ALA B 294 -3.23 -12.89 35.29
N ALA B 295 -2.51 -12.13 34.49
CA ALA B 295 -2.00 -12.62 33.22
C ALA B 295 -0.61 -13.19 33.38
N ASP B 296 0.00 -12.98 34.55
CA ASP B 296 1.33 -13.49 34.84
C ASP B 296 1.27 -14.98 35.22
N GLN B 297 0.14 -15.40 35.76
CA GLN B 297 -0.03 -16.79 36.17
C GLN B 297 -0.42 -17.70 35.02
N ARG B 298 -0.98 -17.10 33.97
CA ARG B 298 -1.39 -17.86 32.78
C ARG B 298 -0.24 -18.76 32.31
N ALA B 299 0.74 -18.16 31.64
CA ALA B 299 1.88 -18.89 31.11
C ALA B 299 2.94 -19.30 32.15
N ASP B 300 2.95 -18.64 33.31
CA ASP B 300 3.93 -18.98 34.36
C ASP B 300 3.39 -20.01 35.35
#